data_4FQC
#
_entry.id   4FQC
#
_cell.length_a   67.787
_cell.length_b   67.787
_cell.length_c   94.115
_cell.angle_alpha   90.00
_cell.angle_beta   90.00
_cell.angle_gamma   90.00
#
_symmetry.space_group_name_H-M   'P 21 21 21'
#
loop_
_entity.id
_entity.type
_entity.pdbx_description
1 polymer 'Fab heavy chain'
2 polymer 'Fab light chain'
3 branched 'N-acetyl-alpha-neuraminic acid-(2-6)-beta-D-galactopyranose-(1-4)-2-acetamido-2-deoxy-beta-D-glucopyranose-(1-2)-alpha-D-mannopyranose-(1-3)-[2-acetamido-2-deoxy-beta-D-glucopyranose-(1-2)-alpha-D-mannopyranose-(1-6)]beta-D-mannopyranose-(1-4)-2-acetamido-2-deoxy-beta-D-glucopyranose-(1-4)-[alpha-L-fucopyranose-(1-6)]2-acetamido-2-deoxy-beta-D-glucopyranose'
4 non-polymer TRIS(HYDROXYETHYL)AMINOMETHANE
5 water water
#
loop_
_entity_poly.entity_id
_entity_poly.type
_entity_poly.pdbx_seq_one_letter_code
_entity_poly.pdbx_strand_id
1 'polypeptide(L)'
;QMQLQESGPGLVKPSETLSLTCSVSGASISDSYWSWIRRSPGKGLEWIGYVHKSGDTNYSPSLKSRVNLSLDTSKNQVSL
SLVAATAADSGKYYCARTLHGRRIYGIVAFNEWFTYFYMDVWGNGTQVTVSSASTKGPSVFPLAPSSKSTSGGTAALGCL
VKDYFPEPVTVSWNSGALTSGVHTFPAVLQSSGLYSLSSVVTVPSSSLGTQTYICNVNHKPSNTKVDKRVEPKSCDKTHH
HHHH
;
H
2 'polypeptide(L)'
;SDISVAPGETARISCGEKSLGSRAVQWYQHRAGQAPSLIIYNNQDRPSGIPERFSGSPDSPFGTTATLTITSVEAGDEAD
YYCHIWDSRVPTKWVFGGGTTLTVLGQPKAAPSVTLFPPSSEELQANKATLVCLISDFYPGAVTVAWKADSSPVKAGVET
TTPSKQSNNKYAASSYLSLTPEQWKSHRSYSCQVTHEGSTVEKTVAPTECS
;
L
#
loop_
_chem_comp.id
_chem_comp.type
_chem_comp.name
_chem_comp.formula
BMA D-saccharide, beta linking beta-D-mannopyranose 'C6 H12 O6'
FUC L-saccharide, alpha linking alpha-L-fucopyranose 'C6 H12 O5'
GAL D-saccharide, beta linking beta-D-galactopyranose 'C6 H12 O6'
MAN D-saccharide, alpha linking alpha-D-mannopyranose 'C6 H12 O6'
NAG D-saccharide, beta linking 2-acetamido-2-deoxy-beta-D-glucopyranose 'C8 H15 N O6'
SIA D-saccharide, alpha linking 'N-acetyl-alpha-neuraminic acid' 'C11 H19 N O9'
TAM non-polymer TRIS(HYDROXYETHYL)AMINOMETHANE 'C7 H17 N O3'
#
# COMPACT_ATOMS: atom_id res chain seq x y z
N GLN A 1 -10.91 12.53 -22.67
CA GLN A 1 -10.48 12.21 -21.32
C GLN A 1 -9.12 12.84 -20.99
N MET A 2 -8.75 12.94 -19.74
CA MET A 2 -7.47 13.56 -19.44
C MET A 2 -6.55 12.59 -18.77
N GLN A 3 -5.26 12.66 -19.01
CA GLN A 3 -4.35 11.76 -18.32
C GLN A 3 -3.35 12.48 -17.48
N LEU A 4 -3.08 11.99 -16.29
CA LEU A 4 -2.07 12.56 -15.41
C LEU A 4 -1.01 11.56 -14.98
N GLN A 5 0.22 12.03 -14.84
CA GLN A 5 1.31 11.14 -14.44
C GLN A 5 2.26 11.81 -13.45
N GLU A 6 2.41 11.21 -12.28
CA GLU A 6 3.32 11.71 -11.26
C GLU A 6 4.69 11.09 -11.43
N SER A 7 5.73 11.87 -11.29
CA SER A 7 7.10 11.45 -11.46
C SER A 7 8.13 12.25 -10.65
N GLY A 8 9.18 11.59 -10.23
CA GLY A 8 10.31 12.30 -9.71
C GLY A 8 11.56 12.22 -10.57
N PRO A 9 12.41 13.23 -10.40
CA PRO A 9 13.73 13.31 -10.99
C PRO A 9 14.56 12.13 -10.56
N GLY A 10 14.26 11.67 -9.35
CA GLY A 10 14.85 10.46 -8.86
C GLY A 10 14.88 10.59 -7.38
N LEU A 11 15.97 10.05 -6.84
CA LEU A 11 16.26 9.50 -5.52
C LEU A 11 16.38 10.58 -4.49
N VAL A 12 15.67 10.42 -3.38
CA VAL A 12 15.68 11.39 -2.29
C VAL A 12 16.31 10.93 -1.00
N LYS A 13 17.44 11.52 -0.70
CA LYS A 13 18.07 11.32 0.56
C LYS A 13 17.50 12.23 1.64
N PRO A 14 17.53 11.72 2.85
CA PRO A 14 17.11 12.47 4.00
C PRO A 14 17.71 13.84 4.01
N SER A 15 16.90 14.83 4.34
CA SER A 15 17.29 16.23 4.44
C SER A 15 17.55 16.85 3.06
N GLU A 16 17.10 16.17 2.01
CA GLU A 16 16.99 16.75 0.67
C GLU A 16 15.54 17.10 0.35
N THR A 17 15.36 17.96 -0.66
CA THR A 17 14.03 18.38 -1.06
C THR A 17 13.38 17.37 -2.00
N LEU A 18 12.18 16.93 -1.65
CA LEU A 18 11.41 16.07 -2.52
C LEU A 18 10.77 16.91 -3.63
N SER A 19 11.13 16.60 -4.88
CA SER A 19 10.56 17.31 -6.01
C SER A 19 9.78 16.36 -6.92
N LEU A 20 8.49 16.61 -7.05
CA LEU A 20 7.63 15.77 -7.88
C LEU A 20 6.97 16.59 -8.97
N THR A 21 6.69 15.94 -10.09
CA THR A 21 6.05 16.60 -11.21
C THR A 21 4.81 15.83 -11.63
N CYS A 22 3.75 16.56 -11.97
CA CYS A 22 2.54 15.95 -12.50
C CYS A 22 2.34 16.44 -13.93
N SER A 23 2.66 15.57 -14.89
CA SER A 23 2.48 15.90 -16.30
C SER A 23 1.03 15.68 -16.68
N VAL A 24 0.40 16.71 -17.23
CA VAL A 24 -1.00 16.65 -17.62
C VAL A 24 -1.15 16.62 -19.13
N SER A 25 -1.96 15.68 -19.62
CA SER A 25 -2.21 15.55 -21.06
C SER A 25 -3.70 15.47 -21.35
N GLY A 26 -4.12 16.11 -22.44
CA GLY A 26 -5.51 16.10 -22.84
C GLY A 26 -6.30 17.24 -22.18
N ALA A 27 -5.59 18.16 -21.57
CA ALA A 27 -6.21 19.33 -20.92
C ALA A 27 -5.16 20.32 -20.46
N SER A 28 -5.58 21.56 -20.26
CA SER A 28 -4.66 22.60 -19.77
C SER A 28 -4.82 22.78 -18.26
N ILE A 29 -3.72 22.98 -17.57
CA ILE A 29 -3.75 23.16 -16.12
C ILE A 29 -4.47 24.44 -15.74
N SER A 30 -4.59 25.36 -16.69
CA SER A 30 -5.20 26.66 -16.43
C SER A 30 -6.72 26.60 -16.35
N ASP A 31 -7.30 25.49 -16.78
CA ASP A 31 -8.75 25.35 -16.75
C ASP A 31 -9.24 24.72 -15.44
N SER A 32 -8.31 24.21 -14.64
CA SER A 32 -8.70 23.50 -13.41
C SER A 32 -7.88 23.83 -12.17
N TYR A 33 -8.44 23.49 -11.01
CA TYR A 33 -7.68 23.40 -9.78
C TYR A 33 -6.90 22.10 -9.84
N TRP A 34 -5.87 21.97 -9.02
CA TRP A 34 -5.08 20.74 -8.98
C TRP A 34 -4.66 20.39 -7.56
N SER A 35 -4.70 19.10 -7.23
CA SER A 35 -4.34 18.65 -5.90
C SER A 35 -3.25 17.58 -5.91
N TRP A 36 -2.50 17.53 -4.82
CA TRP A 36 -1.56 16.44 -4.59
C TRP A 36 -2.05 15.63 -3.38
N ILE A 37 -2.01 14.31 -3.51
CA ILE A 37 -2.38 13.42 -2.42
C ILE A 37 -1.27 12.40 -2.19
N ARG A 38 -1.16 11.88 -0.97
CA ARG A 38 -0.16 10.87 -0.69
C ARG A 38 -0.66 9.82 0.30
N ARG A 39 -0.09 8.63 0.22
CA ARG A 39 -0.41 7.55 1.13
C ARG A 39 0.85 7.04 1.81
N SER A 40 1.08 7.51 3.03
CA SER A 40 2.22 7.06 3.82
C SER A 40 1.88 5.85 4.66
N PRO A 41 2.72 4.81 4.61
CA PRO A 41 2.46 3.57 5.36
C PRO A 41 2.14 3.84 6.83
N GLY A 42 2.77 4.85 7.41
CA GLY A 42 2.53 5.22 8.79
C GLY A 42 1.15 5.80 8.99
N LYS A 43 0.56 6.34 7.93
CA LYS A 43 -0.77 6.95 8.02
C LYS A 43 -1.60 6.59 6.78
N GLY A 44 -2.76 7.18 6.64
CA GLY A 44 -3.62 6.91 5.52
C GLY A 44 -3.55 7.83 4.32
N LEU A 45 -4.58 7.79 3.48
CA LEU A 45 -4.65 8.65 2.30
C LEU A 45 -4.88 10.10 2.75
N GLU A 46 -3.86 10.94 2.57
CA GLU A 46 -3.94 12.33 3.04
C GLU A 46 -3.82 13.36 1.92
N TRP A 47 -4.63 14.41 2.04
CA TRP A 47 -4.64 15.52 1.10
C TRP A 47 -3.51 16.47 1.42
N ILE A 48 -2.59 16.66 0.47
CA ILE A 48 -1.44 17.52 0.69
C ILE A 48 -1.80 18.99 0.50
N GLY A 49 -2.51 19.28 -0.58
CA GLY A 49 -2.95 20.63 -0.89
C GLY A 49 -3.47 20.77 -2.30
N TYR A 50 -3.95 21.95 -2.63
CA TYR A 50 -4.41 22.25 -3.98
C TYR A 50 -3.88 23.59 -4.47
N VAL A 51 -3.84 23.77 -5.77
CA VAL A 51 -3.32 25.00 -6.37
C VAL A 51 -4.18 25.46 -7.54
N HIS A 52 -4.13 26.76 -7.84
CA HIS A 52 -4.91 27.32 -8.92
C HIS A 52 -4.26 28.61 -9.42
N LYS A 53 -4.60 29.00 -10.65
CA LYS A 53 -3.98 30.17 -11.27
C LYS A 53 -4.38 31.46 -10.56
N SER A 54 -5.61 31.48 -10.04
CA SER A 54 -6.15 32.68 -9.42
C SER A 54 -5.45 33.02 -8.11
N GLY A 55 -4.72 32.04 -7.57
CA GLY A 55 -4.07 32.20 -6.28
C GLY A 55 -4.90 31.56 -5.18
N ASP A 56 -5.96 30.86 -5.57
CA ASP A 56 -6.73 30.03 -4.66
C ASP A 56 -5.89 28.79 -4.39
N THR A 57 -5.16 28.81 -3.29
CA THR A 57 -4.19 27.76 -2.98
C THR A 57 -4.05 27.55 -1.48
N ASN A 58 -4.19 26.31 -1.04
CA ASN A 58 -4.02 25.97 0.38
C ASN A 58 -3.34 24.61 0.59
N TYR A 59 -2.63 24.48 1.70
CA TYR A 59 -1.89 23.27 2.01
C TYR A 59 -2.40 22.64 3.30
N SER A 60 -2.10 21.35 3.49
CA SER A 60 -2.44 20.66 4.73
C SER A 60 -1.72 21.32 5.90
N PRO A 61 -2.42 21.49 7.02
CA PRO A 61 -1.81 22.09 8.23
C PRO A 61 -0.53 21.36 8.64
N SER A 62 -0.50 20.05 8.48
CA SER A 62 0.64 19.24 8.91
C SER A 62 1.85 19.35 7.98
N LEU A 63 1.63 19.88 6.78
CA LEU A 63 2.70 19.97 5.78
C LEU A 63 2.96 21.39 5.29
N LYS A 64 2.11 22.32 5.72
CA LYS A 64 2.16 23.70 5.21
C LYS A 64 3.54 24.34 5.32
N SER A 65 4.30 23.96 6.35
CA SER A 65 5.60 24.57 6.60
C SER A 65 6.69 24.09 5.64
N ARG A 66 6.43 22.99 4.93
CA ARG A 66 7.48 22.39 4.10
C ARG A 66 7.10 22.26 2.63
N VAL A 67 5.82 22.44 2.31
CA VAL A 67 5.34 22.16 0.96
C VAL A 67 5.15 23.39 0.08
N ASN A 68 5.39 23.20 -1.21
CA ASN A 68 5.15 24.22 -2.22
C ASN A 68 4.54 23.58 -3.46
N LEU A 69 3.32 23.99 -3.79
CA LEU A 69 2.67 23.54 -5.01
C LEU A 69 2.66 24.67 -6.02
N SER A 70 3.11 24.40 -7.24
CA SER A 70 3.19 25.43 -8.27
C SER A 70 2.59 24.98 -9.59
N LEU A 71 2.27 25.94 -10.44
CA LEU A 71 1.73 25.66 -11.75
C LEU A 71 2.69 26.15 -12.83
N ASP A 72 3.03 25.27 -13.76
CA ASP A 72 3.88 25.65 -14.87
C ASP A 72 3.07 25.65 -16.17
N THR A 73 2.51 26.81 -16.49
CA THR A 73 1.66 26.96 -17.68
C THR A 73 2.40 26.54 -18.95
N SER A 74 3.66 26.96 -19.06
CA SER A 74 4.47 26.67 -20.23
C SER A 74 4.66 25.18 -20.44
N LYS A 75 4.89 24.45 -19.35
CA LYS A 75 5.13 23.02 -19.43
C LYS A 75 3.88 22.21 -19.09
N ASN A 76 2.79 22.91 -18.79
CA ASN A 76 1.53 22.27 -18.44
C ASN A 76 1.72 21.23 -17.35
N GLN A 77 2.54 21.56 -16.35
CA GLN A 77 2.84 20.63 -15.27
C GLN A 77 2.43 21.19 -13.92
N VAL A 78 2.02 20.30 -13.03
CA VAL A 78 1.75 20.66 -11.63
C VAL A 78 2.93 20.18 -10.80
N SER A 79 3.48 21.07 -9.98
CA SER A 79 4.68 20.75 -9.22
C SER A 79 4.42 20.59 -7.73
N LEU A 80 5.17 19.69 -7.11
CA LEU A 80 5.17 19.55 -5.66
C LEU A 80 6.59 19.59 -5.12
N SER A 81 6.82 20.41 -4.10
CA SER A 81 8.13 20.50 -3.48
C SER A 81 8.00 20.36 -1.97
N LEU A 82 8.77 19.43 -1.39
CA LEU A 82 8.71 19.17 0.04
C LEU A 82 10.11 19.19 0.66
N VAL A 83 10.42 20.29 1.34
CA VAL A 83 11.73 20.49 1.95
C VAL A 83 11.99 19.51 3.10
N ALA A 84 13.26 19.23 3.34
CA ALA A 84 13.67 18.41 4.48
C ALA A 84 12.95 17.06 4.51
N ALA A 85 13.07 16.31 3.42
CA ALA A 85 12.42 15.00 3.32
C ALA A 85 13.05 14.00 4.27
N THR A 86 12.22 13.14 4.85
CA THR A 86 12.69 12.05 5.70
C THR A 86 11.93 10.77 5.36
N ALA A 87 12.28 9.68 6.04
CA ALA A 87 11.60 8.40 5.83
C ALA A 87 10.10 8.53 6.09
N ALA A 88 9.73 9.53 6.90
CA ALA A 88 8.34 9.77 7.21
C ALA A 88 7.57 10.31 6.01
N ASP A 89 8.30 10.79 5.01
CA ASP A 89 7.68 11.33 3.80
C ASP A 89 7.62 10.28 2.69
N SER A 90 8.12 9.08 2.99
CA SER A 90 8.04 7.97 2.05
C SER A 90 6.59 7.55 1.87
N GLY A 91 6.29 6.99 0.70
CA GLY A 91 4.94 6.55 0.38
C GLY A 91 4.60 6.79 -1.08
N LYS A 92 3.31 6.78 -1.40
CA LYS A 92 2.87 6.98 -2.77
C LYS A 92 2.15 8.30 -2.94
N TYR A 93 2.56 9.08 -3.95
CA TYR A 93 2.03 10.41 -4.16
C TYR A 93 1.12 10.48 -5.38
N TYR A 94 -0.03 11.13 -5.22
CA TYR A 94 -0.99 11.25 -6.31
C TYR A 94 -1.20 12.71 -6.70
N CYS A 95 -1.33 12.94 -8.00
CA CYS A 95 -1.78 14.22 -8.54
C CYS A 95 -3.19 14.02 -9.09
N ALA A 96 -4.07 15.00 -8.89
CA ALA A 96 -5.46 14.86 -9.34
C ALA A 96 -6.09 16.20 -9.72
N ARG A 97 -6.87 16.19 -10.79
CA ARG A 97 -7.63 17.37 -11.19
C ARG A 97 -8.78 17.58 -10.20
N THR A 98 -8.86 18.80 -9.66
CA THR A 98 -9.82 19.09 -8.59
C THR A 98 -10.96 19.98 -9.05
N LEU A 99 -12.19 19.54 -8.81
CA LEU A 99 -13.37 20.33 -9.10
C LEU A 99 -13.94 20.89 -7.80
N HIS A 100 -14.90 21.81 -7.92
CA HIS A 100 -15.50 22.42 -6.74
C HIS A 100 -16.97 22.77 -6.95
N GLY A 101 -17.70 22.85 -5.85
CA GLY A 101 -19.09 23.25 -5.87
C GLY A 101 -19.42 23.99 -4.59
N ARG A 102 -20.63 24.53 -4.50
CA ARG A 102 -21.04 25.26 -3.31
C ARG A 102 -22.21 24.57 -2.61
N ARG A 103 -22.00 24.19 -1.36
CA ARG A 103 -23.08 23.67 -0.53
C ARG A 103 -23.84 24.84 0.07
N ILE A 104 -24.97 25.16 -0.53
CA ILE A 104 -25.82 26.25 -0.04
C ILE A 104 -26.96 25.68 0.80
N TYR A 105 -26.91 25.91 2.10
CA TYR A 105 -27.89 25.34 3.02
C TYR A 105 -28.73 26.42 3.72
N GLY A 106 -28.46 27.68 3.39
CA GLY A 106 -29.23 28.80 3.89
C GLY A 106 -29.19 29.98 2.94
N ILE A 107 -29.37 31.19 3.46
CA ILE A 107 -29.26 32.38 2.62
C ILE A 107 -27.80 32.71 2.35
N VAL A 108 -27.47 32.86 1.06
CA VAL A 108 -26.10 33.14 0.64
C VAL A 108 -25.53 34.38 1.32
N ALA A 109 -26.38 35.38 1.56
CA ALA A 109 -25.94 36.63 2.17
C ALA A 109 -25.59 36.45 3.64
N PHE A 110 -26.09 35.37 4.24
CA PHE A 110 -25.81 35.07 5.64
C PHE A 110 -24.59 34.16 5.79
N ASN A 111 -23.83 34.01 4.71
CA ASN A 111 -22.66 33.13 4.71
C ASN A 111 -23.03 31.68 5.00
N GLU A 112 -24.27 31.32 4.71
CA GLU A 112 -24.75 29.96 4.98
C GLU A 112 -24.48 29.05 3.80
N TRP A 113 -23.21 28.86 3.50
CA TRP A 113 -22.77 28.04 2.38
C TRP A 113 -21.27 27.87 2.47
N PHE A 114 -20.74 26.84 1.81
CA PHE A 114 -19.30 26.63 1.76
C PHE A 114 -18.89 25.96 0.46
N THR A 115 -17.64 26.15 0.08
CA THR A 115 -17.08 25.52 -1.11
C THR A 115 -16.47 24.17 -0.76
N TYR A 116 -16.79 23.15 -1.54
CA TYR A 116 -16.18 21.84 -1.37
C TYR A 116 -15.37 21.46 -2.60
N PHE A 117 -14.29 20.72 -2.39
CA PHE A 117 -13.45 20.28 -3.50
C PHE A 117 -13.48 18.76 -3.63
N TYR A 118 -13.52 18.27 -4.86
CA TYR A 118 -13.46 16.84 -5.11
C TYR A 118 -12.60 16.50 -6.33
N MET A 119 -11.96 15.34 -6.27
CA MET A 119 -11.02 14.90 -7.30
C MET A 119 -11.66 13.88 -8.25
N ASP A 120 -11.87 14.27 -9.51
CA ASP A 120 -12.51 13.38 -10.47
C ASP A 120 -11.52 12.65 -11.38
N VAL A 121 -10.28 13.15 -11.44
CA VAL A 121 -9.24 12.51 -12.25
C VAL A 121 -7.95 12.34 -11.46
N TRP A 122 -7.61 11.09 -11.15
CA TRP A 122 -6.41 10.77 -10.38
C TRP A 122 -5.31 10.18 -11.26
N GLY A 123 -4.07 10.37 -10.84
CA GLY A 123 -2.95 9.69 -11.49
C GLY A 123 -2.78 8.33 -10.83
N ASN A 124 -1.91 7.49 -11.39
CA ASN A 124 -1.64 6.19 -10.78
C ASN A 124 -0.91 6.35 -9.46
N GLY A 125 -0.20 7.47 -9.31
CA GLY A 125 0.63 7.71 -8.15
C GLY A 125 2.02 7.16 -8.38
N THR A 126 3.02 7.83 -7.82
CA THR A 126 4.39 7.35 -7.89
C THR A 126 4.92 7.07 -6.48
N GLN A 127 5.75 6.04 -6.37
CA GLN A 127 6.31 5.65 -5.08
C GLN A 127 7.56 6.44 -4.76
N VAL A 128 7.66 6.90 -3.52
CA VAL A 128 8.80 7.68 -3.07
C VAL A 128 9.41 7.05 -1.82
N THR A 129 10.66 6.64 -1.92
CA THR A 129 11.39 6.10 -0.77
C THR A 129 12.59 6.98 -0.45
N VAL A 130 12.56 7.61 0.72
CA VAL A 130 13.63 8.50 1.14
C VAL A 130 14.70 7.75 1.93
N SER A 131 15.91 7.68 1.37
CA SER A 131 17.02 7.01 2.05
C SER A 131 18.37 7.41 1.46
N SER A 132 19.44 7.04 2.15
CA SER A 132 20.80 7.31 1.69
C SER A 132 21.42 6.03 1.13
N ALA A 133 20.58 5.12 0.68
CA ALA A 133 21.03 3.82 0.19
C ALA A 133 22.06 3.92 -0.92
N SER A 134 23.13 3.13 -0.79
CA SER A 134 24.17 3.04 -1.80
C SER A 134 24.64 1.59 -1.93
N THR A 135 25.56 1.35 -2.87
CA THR A 135 26.05 0.00 -3.11
C THR A 135 26.32 -0.67 -1.77
N LYS A 136 25.67 -1.82 -1.54
CA LYS A 136 25.91 -2.60 -0.34
C LYS A 136 25.65 -4.09 -0.56
N GLY A 137 26.60 -4.92 -0.16
CA GLY A 137 26.46 -6.36 -0.26
C GLY A 137 25.47 -6.90 0.75
N PRO A 138 24.86 -8.05 0.44
CA PRO A 138 23.81 -8.65 1.27
C PRO A 138 24.36 -9.50 2.41
N SER A 139 23.61 -9.57 3.50
CA SER A 139 23.88 -10.53 4.56
C SER A 139 22.99 -11.75 4.35
N VAL A 140 23.57 -12.94 4.47
CA VAL A 140 22.81 -14.16 4.20
C VAL A 140 22.56 -14.96 5.47
N PHE A 141 21.29 -15.26 5.72
CA PHE A 141 20.91 -16.03 6.89
C PHE A 141 20.09 -17.26 6.51
N PRO A 142 20.33 -18.38 7.20
CA PRO A 142 19.57 -19.61 6.97
C PRO A 142 18.15 -19.52 7.52
N LEU A 143 17.20 -20.01 6.74
CA LEU A 143 15.82 -20.12 7.20
C LEU A 143 15.52 -21.59 7.45
N ALA A 144 15.68 -22.02 8.69
CA ALA A 144 15.60 -23.43 9.05
C ALA A 144 14.18 -24.00 8.96
N PRO A 145 14.08 -25.29 8.65
CA PRO A 145 12.83 -26.05 8.62
C PRO A 145 12.49 -26.63 9.99
N SER A 151 7.18 -33.74 11.76
CA SER A 151 7.66 -34.91 11.05
C SER A 151 6.77 -35.22 9.85
N GLY A 152 7.27 -36.08 8.96
CA GLY A 152 6.52 -36.43 7.77
C GLY A 152 6.27 -35.22 6.90
N GLY A 153 5.49 -35.40 5.84
CA GLY A 153 5.18 -34.30 4.96
C GLY A 153 6.41 -33.65 4.35
N THR A 154 6.24 -32.42 3.87
CA THR A 154 7.31 -31.70 3.20
C THR A 154 7.77 -30.63 4.16
N ALA A 155 8.92 -30.01 3.85
CA ALA A 155 9.45 -28.96 4.69
C ALA A 155 10.02 -27.83 3.85
N ALA A 156 9.93 -26.61 4.36
CA ALA A 156 10.45 -25.45 3.66
C ALA A 156 11.69 -24.91 4.36
N LEU A 157 12.83 -25.02 3.68
CA LEU A 157 14.07 -24.45 4.17
C LEU A 157 14.51 -23.40 3.16
N GLY A 158 15.18 -22.34 3.63
CA GLY A 158 15.58 -21.27 2.74
C GLY A 158 16.73 -20.42 3.22
N CYS A 159 17.02 -19.38 2.44
CA CYS A 159 18.05 -18.40 2.80
C CYS A 159 17.49 -16.99 2.71
N LEU A 160 17.72 -16.20 3.75
CA LEU A 160 17.29 -14.81 3.77
C LEU A 160 18.44 -13.89 3.33
N VAL A 161 18.32 -13.36 2.11
CA VAL A 161 19.29 -12.42 1.58
C VAL A 161 18.90 -11.00 1.99
N LYS A 162 19.52 -10.47 3.03
CA LYS A 162 19.04 -9.25 3.69
C LYS A 162 19.86 -7.99 3.44
N ASP A 163 19.15 -6.88 3.22
CA ASP A 163 19.77 -5.57 3.13
C ASP A 163 20.86 -5.29 2.11
N TYR A 164 20.55 -5.54 0.85
CA TYR A 164 21.46 -5.19 -0.23
C TYR A 164 20.97 -4.10 -1.18
N PHE A 165 21.91 -3.53 -1.95
CA PHE A 165 21.58 -2.50 -2.93
C PHE A 165 22.77 -2.29 -3.85
N PRO A 166 22.50 -2.14 -5.16
CA PRO A 166 21.14 -2.17 -5.70
C PRO A 166 20.75 -3.58 -6.12
N GLU A 167 19.57 -3.73 -6.70
CA GLU A 167 19.22 -4.95 -7.40
C GLU A 167 20.21 -5.13 -8.54
N PRO A 168 20.39 -6.38 -9.01
CA PRO A 168 19.77 -7.57 -8.43
C PRO A 168 20.75 -8.54 -7.76
N VAL A 169 20.20 -9.63 -7.22
CA VAL A 169 21.01 -10.72 -6.68
C VAL A 169 20.56 -12.03 -7.31
N THR A 170 21.46 -13.01 -7.30
CA THR A 170 21.16 -14.34 -7.82
C THR A 170 21.29 -15.38 -6.72
N VAL A 171 20.46 -16.42 -6.78
CA VAL A 171 20.49 -17.47 -5.77
C VAL A 171 20.32 -18.86 -6.37
N SER A 172 21.24 -19.76 -6.04
CA SER A 172 21.13 -21.15 -6.44
C SER A 172 21.29 -22.03 -5.21
N TRP A 173 21.00 -23.32 -5.35
CA TRP A 173 21.13 -24.27 -4.26
C TRP A 173 22.06 -25.42 -4.61
N ASN A 174 23.03 -25.67 -3.73
CA ASN A 174 24.01 -26.72 -3.96
C ASN A 174 24.69 -26.57 -5.32
N SER A 175 25.02 -25.33 -5.66
CA SER A 175 25.70 -25.02 -6.92
C SER A 175 24.94 -25.48 -8.16
N GLY A 176 23.62 -25.58 -8.04
CA GLY A 176 22.79 -25.95 -9.17
C GLY A 176 22.42 -27.41 -9.18
N ALA A 177 22.88 -28.15 -8.19
CA ALA A 177 22.55 -29.57 -8.07
C ALA A 177 21.12 -29.75 -7.54
N LEU A 178 20.58 -28.68 -6.96
CA LEU A 178 19.22 -28.71 -6.42
C LEU A 178 18.39 -27.57 -7.00
N THR A 179 17.48 -27.90 -7.90
CA THR A 179 16.61 -26.90 -8.51
C THR A 179 15.13 -27.26 -8.33
N SER A 180 14.88 -28.49 -7.89
CA SER A 180 13.52 -28.95 -7.68
C SER A 180 12.92 -28.35 -6.42
N GLY A 181 11.74 -27.76 -6.55
CA GLY A 181 11.05 -27.16 -5.41
C GLY A 181 11.72 -25.89 -4.92
N VAL A 182 12.50 -25.24 -5.78
CA VAL A 182 13.15 -24.00 -5.43
C VAL A 182 12.28 -22.80 -5.83
N HIS A 183 11.95 -21.96 -4.85
CA HIS A 183 11.12 -20.79 -5.13
C HIS A 183 11.78 -19.53 -4.57
N THR A 184 12.37 -18.74 -5.46
CA THR A 184 12.99 -17.48 -5.06
C THR A 184 12.00 -16.33 -5.24
N PHE A 185 11.66 -15.66 -4.12
CA PHE A 185 10.69 -14.57 -4.13
C PHE A 185 11.31 -13.23 -4.51
N PRO A 186 10.53 -12.39 -5.20
CA PRO A 186 10.97 -11.03 -5.54
C PRO A 186 11.27 -10.24 -4.27
N ALA A 187 12.29 -9.39 -4.32
CA ALA A 187 12.74 -8.67 -3.14
C ALA A 187 11.76 -7.59 -2.71
N VAL A 188 11.76 -7.28 -1.41
CA VAL A 188 10.99 -6.17 -0.89
C VAL A 188 11.90 -4.95 -0.80
N LEU A 189 11.39 -3.79 -1.19
CA LEU A 189 12.11 -2.55 -0.97
C LEU A 189 11.72 -2.01 0.40
N GLN A 190 12.70 -1.93 1.30
CA GLN A 190 12.44 -1.53 2.68
C GLN A 190 12.57 -0.02 2.87
N SER A 191 12.04 0.47 3.99
CA SER A 191 12.09 1.90 4.30
C SER A 191 13.53 2.40 4.35
N SER A 192 14.46 1.47 4.58
CA SER A 192 15.88 1.80 4.62
C SER A 192 16.41 2.09 3.22
N GLY A 193 15.63 1.73 2.20
CA GLY A 193 16.06 1.89 0.83
C GLY A 193 16.84 0.68 0.34
N LEU A 194 17.11 -0.25 1.25
CA LEU A 194 17.79 -1.50 0.92
C LEU A 194 16.78 -2.57 0.57
N TYR A 195 17.22 -3.58 -0.17
CA TYR A 195 16.34 -4.67 -0.59
C TYR A 195 16.57 -5.94 0.24
N SER A 196 15.56 -6.80 0.28
CA SER A 196 15.66 -8.10 0.93
C SER A 196 14.74 -9.10 0.22
N LEU A 197 15.23 -10.32 0.02
CA LEU A 197 14.42 -11.37 -0.57
C LEU A 197 14.70 -12.71 0.10
N SER A 198 13.82 -13.67 -0.12
CA SER A 198 13.99 -14.99 0.46
C SER A 198 13.94 -16.05 -0.62
N SER A 199 14.83 -17.05 -0.51
CA SER A 199 14.83 -18.19 -1.40
C SER A 199 14.55 -19.45 -0.60
N VAL A 200 13.39 -20.05 -0.84
CA VAL A 200 13.00 -21.25 -0.11
C VAL A 200 12.86 -22.45 -1.04
N VAL A 201 13.37 -23.59 -0.60
CA VAL A 201 13.24 -24.83 -1.35
C VAL A 201 12.41 -25.83 -0.56
N THR A 202 11.36 -26.37 -1.20
CA THR A 202 10.51 -27.36 -0.57
C THR A 202 11.09 -28.75 -0.73
N VAL A 203 11.25 -29.47 0.37
CA VAL A 203 11.84 -30.81 0.35
C VAL A 203 11.07 -31.77 1.24
N PRO A 204 11.24 -33.08 1.00
CA PRO A 204 10.67 -34.11 1.87
C PRO A 204 11.34 -34.08 3.23
N SER A 205 10.56 -34.17 4.30
CA SER A 205 11.10 -34.16 5.65
C SER A 205 12.13 -35.27 5.84
N SER A 206 11.83 -36.44 5.28
CA SER A 206 12.71 -37.59 5.41
C SER A 206 14.10 -37.33 4.84
N SER A 207 14.20 -36.35 3.95
CA SER A 207 15.46 -36.04 3.28
C SER A 207 16.37 -35.16 4.12
N LEU A 208 15.82 -34.59 5.20
CA LEU A 208 16.55 -33.65 6.02
C LEU A 208 17.88 -34.21 6.54
N GLY A 209 17.96 -35.52 6.69
CA GLY A 209 19.17 -36.15 7.16
C GLY A 209 20.14 -36.51 6.05
N THR A 210 19.60 -37.08 4.97
CA THR A 210 20.40 -37.55 3.85
C THR A 210 21.11 -36.40 3.11
N GLN A 211 20.32 -35.51 2.54
CA GLN A 211 20.85 -34.44 1.70
C GLN A 211 21.40 -33.26 2.51
N THR A 212 22.37 -32.56 1.92
CA THR A 212 22.92 -31.35 2.52
C THR A 212 22.49 -30.14 1.72
N TYR A 213 22.09 -29.06 2.40
CA TYR A 213 21.55 -27.89 1.73
C TYR A 213 22.39 -26.63 1.89
N ILE A 214 22.77 -26.05 0.76
CA ILE A 214 23.57 -24.83 0.74
C ILE A 214 23.06 -23.87 -0.34
N CYS A 215 22.75 -22.64 0.06
CA CYS A 215 22.32 -21.63 -0.90
C CYS A 215 23.51 -20.79 -1.34
N ASN A 216 23.63 -20.60 -2.64
CA ASN A 216 24.73 -19.81 -3.20
C ASN A 216 24.24 -18.44 -3.63
N VAL A 217 24.65 -17.41 -2.92
CA VAL A 217 24.17 -16.05 -3.18
C VAL A 217 25.24 -15.19 -3.85
N ASN A 218 24.86 -14.53 -4.94
CA ASN A 218 25.78 -13.68 -5.68
C ASN A 218 25.21 -12.29 -5.90
N HIS A 219 26.00 -11.27 -5.55
CA HIS A 219 25.60 -9.89 -5.74
C HIS A 219 26.72 -9.11 -6.44
N LYS A 220 26.56 -8.92 -7.75
CA LYS A 220 27.62 -8.34 -8.58
C LYS A 220 28.05 -6.93 -8.17
N PRO A 221 27.08 -6.01 -8.03
CA PRO A 221 27.40 -4.61 -7.75
C PRO A 221 28.44 -4.43 -6.65
N SER A 222 28.46 -5.34 -5.67
CA SER A 222 29.41 -5.26 -4.57
C SER A 222 30.39 -6.43 -4.60
N ASN A 223 30.39 -7.18 -5.69
CA ASN A 223 31.25 -8.35 -5.83
C ASN A 223 31.22 -9.25 -4.60
N THR A 224 30.02 -9.65 -4.20
CA THR A 224 29.86 -10.51 -3.04
C THR A 224 29.42 -11.92 -3.44
N LYS A 225 30.08 -12.92 -2.88
CA LYS A 225 29.70 -14.31 -3.10
C LYS A 225 29.66 -15.06 -1.77
N VAL A 226 28.47 -15.53 -1.40
CA VAL A 226 28.27 -16.18 -0.11
C VAL A 226 27.61 -17.55 -0.26
N ASP A 227 28.17 -18.54 0.43
CA ASP A 227 27.60 -19.87 0.45
C ASP A 227 27.12 -20.20 1.86
N LYS A 228 25.81 -20.18 2.05
CA LYS A 228 25.23 -20.42 3.38
C LYS A 228 24.60 -21.79 3.50
N ARG A 229 25.16 -22.62 4.38
CA ARG A 229 24.59 -23.93 4.66
C ARG A 229 23.41 -23.77 5.60
N VAL A 230 22.32 -24.45 5.30
CA VAL A 230 21.12 -24.38 6.11
C VAL A 230 20.71 -25.76 6.63
N GLU A 231 20.57 -25.87 7.95
CA GLU A 231 20.15 -27.11 8.58
C GLU A 231 19.09 -26.82 9.65
N PRO A 232 18.44 -27.88 10.13
CA PRO A 232 17.41 -27.76 11.18
C PRO A 232 18.03 -27.74 12.58
N ASP B 2 -14.54 -4.20 6.95
CA ASP B 2 -14.38 -5.03 5.77
C ASP B 2 -15.56 -5.97 5.59
N ILE B 3 -16.13 -5.97 4.39
CA ILE B 3 -17.32 -6.77 4.11
C ILE B 3 -17.15 -7.64 2.87
N SER B 4 -17.86 -8.76 2.85
CA SER B 4 -17.90 -9.62 1.67
C SER B 4 -19.34 -9.78 1.22
N VAL B 5 -19.57 -9.60 -0.08
CA VAL B 5 -20.92 -9.66 -0.62
C VAL B 5 -20.98 -10.61 -1.82
N ALA B 6 -22.04 -11.40 -1.88
CA ALA B 6 -22.29 -12.26 -3.02
C ALA B 6 -22.83 -11.43 -4.17
N PRO B 7 -22.41 -11.73 -5.41
CA PRO B 7 -22.89 -11.02 -6.59
C PRO B 7 -24.42 -10.98 -6.64
N GLY B 8 -24.98 -9.80 -6.88
CA GLY B 8 -26.42 -9.63 -6.91
C GLY B 8 -26.95 -9.00 -5.64
N GLU B 9 -26.28 -9.27 -4.52
CA GLU B 9 -26.65 -8.68 -3.24
C GLU B 9 -26.20 -7.23 -3.17
N THR B 10 -26.64 -6.52 -2.14
CA THR B 10 -26.32 -5.10 -2.01
C THR B 10 -25.30 -4.85 -0.90
N ALA B 11 -24.36 -3.95 -1.17
CA ALA B 11 -23.31 -3.64 -0.20
C ALA B 11 -23.57 -2.31 0.50
N ARG B 12 -23.29 -2.27 1.80
CA ARG B 12 -23.47 -1.06 2.58
C ARG B 12 -22.20 -0.71 3.34
N ILE B 13 -21.64 0.45 3.04
CA ILE B 13 -20.40 0.89 3.65
C ILE B 13 -20.57 2.26 4.30
N SER B 14 -20.37 2.31 5.61
CA SER B 14 -20.46 3.57 6.34
C SER B 14 -19.07 4.15 6.55
N CYS B 15 -18.96 5.47 6.49
CA CYS B 15 -17.66 6.12 6.59
C CYS B 15 -17.77 7.48 7.29
N GLY B 16 -16.85 7.73 8.22
CA GLY B 16 -16.79 9.02 8.90
C GLY B 16 -17.62 9.10 10.17
N GLU B 17 -17.52 10.25 10.85
CA GLU B 17 -18.24 10.48 12.09
C GLU B 17 -19.66 10.94 11.82
N LYS B 18 -20.44 11.08 12.89
CA LYS B 18 -21.79 11.60 12.78
C LYS B 18 -21.75 13.07 12.34
N SER B 19 -22.72 13.47 11.54
CA SER B 19 -22.75 14.83 11.00
C SER B 19 -23.27 15.93 11.93
N LEU B 20 -22.62 17.08 11.88
CA LEU B 20 -22.91 18.18 12.80
C LEU B 20 -23.68 19.30 12.10
N GLY B 21 -23.19 19.70 10.92
CA GLY B 21 -23.85 20.71 10.12
C GLY B 21 -24.24 20.15 8.76
N SER B 22 -24.45 21.03 7.79
CA SER B 22 -24.77 20.62 6.43
C SER B 22 -23.53 20.02 5.75
N ARG B 23 -23.74 18.98 4.95
CA ARG B 23 -22.62 18.22 4.39
C ARG B 23 -22.59 18.12 2.87
N ALA B 24 -21.38 17.92 2.35
CA ALA B 24 -21.17 17.55 0.97
C ALA B 24 -20.14 16.41 0.97
N VAL B 25 -20.63 15.18 0.96
CA VAL B 25 -19.75 14.02 1.08
C VAL B 25 -19.35 13.46 -0.29
N GLN B 26 -18.06 13.24 -0.46
CA GLN B 26 -17.55 12.59 -1.65
C GLN B 26 -17.15 11.16 -1.35
N TRP B 27 -17.35 10.27 -2.31
CA TRP B 27 -16.95 8.88 -2.18
C TRP B 27 -15.95 8.52 -3.25
N TYR B 28 -14.89 7.81 -2.86
CA TYR B 28 -13.84 7.43 -3.78
C TYR B 28 -13.61 5.93 -3.79
N GLN B 29 -13.35 5.40 -4.98
CA GLN B 29 -13.09 3.97 -5.16
C GLN B 29 -11.61 3.74 -5.48
N HIS B 30 -11.00 2.81 -4.76
CA HIS B 30 -9.59 2.50 -4.98
C HIS B 30 -9.34 1.01 -5.14
N ARG B 31 -9.14 0.58 -6.39
CA ARG B 31 -8.77 -0.81 -6.67
C ARG B 31 -7.26 -0.99 -6.52
N ALA B 32 -6.85 -2.21 -6.18
CA ALA B 32 -5.43 -2.51 -5.97
C ALA B 32 -4.56 -2.08 -7.15
N GLY B 33 -3.55 -1.25 -6.85
CA GLY B 33 -2.59 -0.82 -7.85
C GLY B 33 -3.20 -0.04 -9.00
N GLN B 34 -4.32 0.61 -8.74
CA GLN B 34 -4.99 1.41 -9.76
C GLN B 34 -5.28 2.82 -9.24
N ALA B 35 -5.41 3.77 -10.15
CA ALA B 35 -5.79 5.14 -9.78
C ALA B 35 -7.16 5.14 -9.12
N PRO B 36 -7.32 5.93 -8.05
CA PRO B 36 -8.63 6.06 -7.41
C PRO B 36 -9.64 6.71 -8.35
N SER B 37 -10.92 6.54 -8.05
CA SER B 37 -11.97 7.15 -8.85
C SER B 37 -13.02 7.83 -7.98
N LEU B 38 -13.66 8.86 -8.52
CA LEU B 38 -14.76 9.52 -7.84
C LEU B 38 -16.07 8.82 -8.17
N ILE B 39 -16.76 8.34 -7.15
CA ILE B 39 -18.01 7.61 -7.36
C ILE B 39 -19.22 8.47 -6.98
N ILE B 40 -19.06 9.27 -5.94
CA ILE B 40 -20.14 10.12 -5.45
C ILE B 40 -19.59 11.48 -5.01
N TYR B 41 -20.33 12.54 -5.33
CA TYR B 41 -19.98 13.87 -4.85
C TYR B 41 -21.24 14.59 -4.40
N ASN B 42 -21.08 15.54 -3.47
CA ASN B 42 -22.21 16.28 -2.95
C ASN B 42 -23.26 15.31 -2.42
N ASN B 43 -22.81 14.34 -1.62
CA ASN B 43 -23.72 13.44 -0.91
C ASN B 43 -24.34 12.36 -1.78
N GLN B 44 -25.05 12.76 -2.83
CA GLN B 44 -25.84 11.84 -3.63
C GLN B 44 -25.54 11.94 -5.13
N ASP B 45 -24.91 13.03 -5.54
CA ASP B 45 -24.67 13.27 -6.97
C ASP B 45 -23.65 12.31 -7.56
N ARG B 46 -23.85 11.97 -8.83
CA ARG B 46 -23.03 10.96 -9.49
C ARG B 46 -22.34 11.52 -10.73
N PRO B 47 -21.00 11.44 -10.76
CA PRO B 47 -20.25 11.88 -11.94
C PRO B 47 -20.57 10.99 -13.15
N SER B 48 -20.25 11.47 -14.34
CA SER B 48 -20.53 10.71 -15.56
C SER B 48 -19.88 9.32 -15.50
N GLY B 49 -20.60 8.32 -15.98
CA GLY B 49 -20.07 6.97 -16.06
C GLY B 49 -20.43 6.08 -14.89
N ILE B 50 -20.62 6.70 -13.72
CA ILE B 50 -20.98 5.94 -12.52
C ILE B 50 -22.45 5.56 -12.52
N PRO B 51 -22.73 4.24 -12.53
CA PRO B 51 -24.08 3.68 -12.60
C PRO B 51 -24.93 4.02 -11.38
N GLU B 52 -26.26 4.00 -11.56
CA GLU B 52 -27.20 4.33 -10.50
C GLU B 52 -27.25 3.27 -9.41
N ARG B 53 -26.47 2.21 -9.58
CA ARG B 53 -26.35 1.17 -8.56
C ARG B 53 -25.69 1.75 -7.31
N PHE B 54 -24.72 2.63 -7.52
CA PHE B 54 -24.06 3.34 -6.44
C PHE B 54 -24.92 4.52 -6.00
N SER B 55 -25.20 4.62 -4.71
CA SER B 55 -25.96 5.74 -4.19
C SER B 55 -25.41 6.20 -2.85
N GLY B 56 -25.51 7.50 -2.58
CA GLY B 56 -25.01 8.07 -1.35
C GLY B 56 -26.12 8.46 -0.41
N SER B 57 -25.76 8.74 0.84
CA SER B 57 -26.73 9.13 1.85
C SER B 57 -26.95 10.64 1.84
N PRO B 58 -28.19 11.08 2.12
CA PRO B 58 -28.49 12.50 2.24
C PRO B 58 -27.86 13.08 3.51
N ASP B 59 -27.60 14.39 3.53
CA ASP B 59 -27.01 15.00 4.71
C ASP B 59 -28.06 15.37 5.75
N SER B 60 -29.15 14.61 5.78
CA SER B 60 -30.19 14.77 6.79
C SER B 60 -30.66 13.42 7.28
N PRO B 61 -31.07 13.35 8.56
CA PRO B 61 -31.05 14.52 9.46
C PRO B 61 -29.66 14.71 10.03
N PHE B 62 -29.45 15.81 10.75
CA PHE B 62 -28.19 16.03 11.44
C PHE B 62 -27.91 14.84 12.36
N GLY B 63 -26.67 14.35 12.32
CA GLY B 63 -26.29 13.22 13.13
C GLY B 63 -26.16 11.93 12.34
N THR B 64 -26.46 12.01 11.04
CA THR B 64 -26.35 10.85 10.17
C THR B 64 -24.90 10.48 9.92
N THR B 65 -24.67 9.24 9.54
CA THR B 65 -23.36 8.79 9.09
C THR B 65 -23.40 8.54 7.59
N ALA B 66 -22.39 9.06 6.89
CA ALA B 66 -22.32 8.90 5.44
C ALA B 66 -22.31 7.43 5.05
N THR B 67 -23.30 7.01 4.29
CA THR B 67 -23.40 5.61 3.87
C THR B 67 -23.44 5.47 2.35
N LEU B 68 -22.59 4.60 1.82
CA LEU B 68 -22.57 4.31 0.41
C LEU B 68 -23.24 2.95 0.15
N THR B 69 -24.29 2.96 -0.65
CA THR B 69 -25.00 1.73 -0.96
C THR B 69 -24.77 1.31 -2.41
N ILE B 70 -24.34 0.07 -2.59
CA ILE B 70 -24.14 -0.49 -3.92
C ILE B 70 -25.05 -1.70 -4.06
N THR B 71 -26.05 -1.61 -4.93
CA THR B 71 -27.02 -2.68 -5.11
C THR B 71 -26.57 -3.67 -6.18
N SER B 72 -27.07 -4.90 -6.08
CA SER B 72 -26.76 -5.93 -7.08
C SER B 72 -25.27 -6.00 -7.40
N VAL B 73 -24.46 -6.18 -6.36
CA VAL B 73 -23.00 -6.10 -6.48
C VAL B 73 -22.43 -6.99 -7.59
N GLU B 74 -21.33 -6.54 -8.17
CA GLU B 74 -20.63 -7.31 -9.19
C GLU B 74 -19.12 -7.26 -8.95
N ALA B 75 -18.37 -8.13 -9.63
CA ALA B 75 -16.94 -8.28 -9.41
C ALA B 75 -16.17 -6.96 -9.43
N GLY B 76 -16.48 -6.11 -10.42
CA GLY B 76 -15.78 -4.84 -10.59
C GLY B 76 -15.84 -3.92 -9.37
N ASP B 77 -16.85 -4.11 -8.53
CA ASP B 77 -17.03 -3.26 -7.37
C ASP B 77 -16.22 -3.72 -6.16
N GLU B 78 -15.34 -4.69 -6.39
CA GLU B 78 -14.35 -5.10 -5.40
C GLU B 78 -13.09 -4.27 -5.19
N ALA B 79 -13.12 -3.39 -4.19
CA ALA B 79 -12.10 -2.37 -4.01
C ALA B 79 -12.17 -1.75 -2.62
N ASP B 80 -11.25 -0.83 -2.33
CA ASP B 80 -11.30 -0.07 -1.08
C ASP B 80 -12.19 1.15 -1.31
N TYR B 81 -13.01 1.49 -0.32
CA TYR B 81 -13.90 2.63 -0.45
C TYR B 81 -13.66 3.68 0.62
N TYR B 82 -13.26 4.87 0.16
CA TYR B 82 -13.01 6.00 1.05
C TYR B 82 -14.05 7.07 0.86
N CYS B 83 -14.28 7.85 1.90
CA CYS B 83 -15.16 9.00 1.81
C CYS B 83 -14.40 10.25 2.24
N HIS B 84 -14.73 11.38 1.62
CA HIS B 84 -14.15 12.65 2.01
C HIS B 84 -15.27 13.58 2.42
N ILE B 85 -15.38 13.82 3.72
CA ILE B 85 -16.54 14.53 4.26
C ILE B 85 -16.31 16.02 4.40
N TRP B 86 -17.26 16.80 3.90
CA TRP B 86 -17.25 18.24 4.11
C TRP B 86 -18.47 18.63 4.93
N ASP B 87 -18.21 19.16 6.13
CA ASP B 87 -19.27 19.49 7.07
C ASP B 87 -19.16 20.96 7.49
N SER B 88 -20.26 21.70 7.35
CA SER B 88 -20.25 23.14 7.60
C SER B 88 -19.88 23.50 9.04
N ARG B 89 -19.90 22.52 9.93
CA ARG B 89 -19.57 22.78 11.34
C ARG B 89 -18.28 22.10 11.78
N VAL B 90 -17.64 21.39 10.86
CA VAL B 90 -16.38 20.72 11.14
C VAL B 90 -15.28 21.30 10.26
N PRO B 91 -14.06 21.38 10.79
CA PRO B 91 -12.93 21.93 10.04
C PRO B 91 -12.59 21.08 8.82
N THR B 92 -12.15 21.73 7.74
CA THR B 92 -11.82 21.03 6.51
C THR B 92 -10.93 19.81 6.77
N LYS B 93 -11.28 18.69 6.16
CA LYS B 93 -10.56 17.44 6.37
C LYS B 93 -9.42 17.25 5.37
N TRP B 94 -8.22 16.98 5.88
CA TRP B 94 -7.04 16.82 5.03
C TRP B 94 -6.56 15.38 4.97
N VAL B 95 -7.27 14.49 5.65
CA VAL B 95 -7.06 13.06 5.50
C VAL B 95 -8.38 12.44 5.10
N PHE B 96 -8.35 11.61 4.06
CA PHE B 96 -9.57 10.93 3.62
C PHE B 96 -9.99 9.93 4.68
N GLY B 97 -11.30 9.73 4.80
CA GLY B 97 -11.83 8.82 5.81
C GLY B 97 -12.06 7.42 5.27
N GLY B 98 -12.52 6.54 6.16
CA GLY B 98 -12.89 5.18 5.77
C GLY B 98 -11.70 4.32 5.37
N GLY B 99 -11.89 3.53 4.32
CA GLY B 99 -10.87 2.63 3.85
C GLY B 99 -11.40 1.20 3.78
N THR B 100 -12.70 1.06 4.00
CA THR B 100 -13.35 -0.24 3.99
C THR B 100 -13.09 -1.00 2.70
N THR B 101 -12.72 -2.27 2.82
CA THR B 101 -12.50 -3.12 1.66
C THR B 101 -13.74 -3.96 1.34
N LEU B 102 -14.17 -3.90 0.08
CA LEU B 102 -15.30 -4.69 -0.37
C LEU B 102 -14.83 -5.89 -1.19
N THR B 103 -15.07 -7.08 -0.67
CA THR B 103 -14.75 -8.31 -1.39
C THR B 103 -16.00 -8.91 -2.00
N VAL B 104 -15.92 -9.25 -3.28
CA VAL B 104 -17.03 -9.93 -3.97
C VAL B 104 -16.73 -11.42 -4.04
N LEU B 105 -17.73 -12.24 -3.71
CA LEU B 105 -17.49 -13.65 -3.40
C LEU B 105 -17.69 -14.67 -4.53
N GLY B 106 -18.28 -14.25 -5.65
CA GLY B 106 -18.63 -15.22 -6.68
C GLY B 106 -17.53 -15.60 -7.66
N GLN B 107 -16.29 -15.22 -7.34
CA GLN B 107 -15.21 -15.27 -8.33
C GLN B 107 -14.37 -16.55 -8.31
N PRO B 108 -13.82 -16.92 -9.47
CA PRO B 108 -12.84 -17.99 -9.58
C PRO B 108 -11.56 -17.61 -8.86
N LYS B 109 -11.00 -18.54 -8.09
CA LYS B 109 -9.88 -18.18 -7.22
C LYS B 109 -9.10 -19.39 -6.73
N ALA B 110 -7.95 -19.11 -6.12
CA ALA B 110 -7.11 -20.14 -5.53
C ALA B 110 -6.49 -19.60 -4.25
N ALA B 111 -6.77 -20.26 -3.12
CA ALA B 111 -6.28 -19.80 -1.83
C ALA B 111 -4.76 -19.86 -1.75
N PRO B 112 -4.17 -18.94 -0.97
CA PRO B 112 -2.71 -18.84 -0.84
C PRO B 112 -2.13 -19.87 0.11
N SER B 113 -0.89 -20.27 -0.17
CA SER B 113 -0.11 -21.09 0.76
C SER B 113 0.82 -20.17 1.52
N VAL B 114 0.93 -20.37 2.84
CA VAL B 114 1.70 -19.45 3.67
C VAL B 114 2.76 -20.14 4.52
N THR B 115 3.99 -19.64 4.43
CA THR B 115 5.08 -20.14 5.25
C THR B 115 5.72 -19.00 6.03
N LEU B 116 5.74 -19.13 7.35
CA LEU B 116 6.30 -18.10 8.22
C LEU B 116 7.56 -18.61 8.89
N PHE B 117 8.66 -17.87 8.73
CA PHE B 117 9.92 -18.19 9.38
C PHE B 117 10.20 -17.23 10.53
N PRO B 118 10.72 -17.75 11.65
CA PRO B 118 11.16 -16.89 12.74
C PRO B 118 12.53 -16.32 12.38
N PRO B 119 13.06 -15.40 13.20
CA PRO B 119 14.42 -14.91 12.96
C PRO B 119 15.42 -16.04 13.14
N SER B 120 16.52 -16.01 12.39
CA SER B 120 17.55 -17.03 12.53
C SER B 120 18.48 -16.67 13.68
N SER B 121 19.00 -17.70 14.36
CA SER B 121 19.93 -17.48 15.46
C SER B 121 21.13 -16.66 15.00
N GLU B 122 21.51 -16.82 13.73
CA GLU B 122 22.61 -16.06 13.16
C GLU B 122 22.32 -14.57 13.13
N GLU B 123 21.11 -14.21 12.69
CA GLU B 123 20.71 -12.80 12.63
C GLU B 123 20.61 -12.21 14.02
N LEU B 124 20.12 -13.02 14.97
CA LEU B 124 19.99 -12.59 16.35
C LEU B 124 21.34 -12.21 16.97
N GLN B 125 22.35 -13.04 16.70
CA GLN B 125 23.70 -12.74 17.19
C GLN B 125 24.19 -11.41 16.62
N ALA B 126 23.63 -11.01 15.49
CA ALA B 126 23.95 -9.73 14.88
C ALA B 126 23.05 -8.63 15.43
N ASN B 127 22.29 -8.97 16.48
CA ASN B 127 21.39 -8.02 17.13
C ASN B 127 20.32 -7.45 16.22
N LYS B 128 19.83 -8.27 15.30
CA LYS B 128 18.70 -7.90 14.47
C LYS B 128 17.75 -9.09 14.34
N ALA B 129 16.51 -8.81 13.95
CA ALA B 129 15.50 -9.85 13.84
C ALA B 129 14.52 -9.57 12.71
N THR B 130 14.16 -10.62 11.99
CA THR B 130 13.22 -10.49 10.89
C THR B 130 12.30 -11.71 10.79
N LEU B 131 10.99 -11.45 10.80
CA LEU B 131 10.00 -12.48 10.51
C LEU B 131 9.70 -12.47 9.03
N VAL B 132 9.68 -13.64 8.42
CA VAL B 132 9.50 -13.76 6.97
C VAL B 132 8.23 -14.53 6.64
N CYS B 133 7.27 -13.86 6.03
CA CYS B 133 6.03 -14.48 5.63
C CYS B 133 5.95 -14.61 4.12
N LEU B 134 6.10 -15.85 3.64
CA LEU B 134 6.11 -16.12 2.21
C LEU B 134 4.74 -16.60 1.73
N ILE B 135 4.17 -15.88 0.77
CA ILE B 135 2.85 -16.21 0.26
C ILE B 135 2.92 -16.60 -1.20
N SER B 136 2.34 -17.75 -1.54
CA SER B 136 2.42 -18.25 -2.91
C SER B 136 1.15 -18.94 -3.38
N ASP B 137 1.04 -19.10 -4.70
CA ASP B 137 -0.02 -19.89 -5.32
C ASP B 137 -1.43 -19.38 -5.03
N PHE B 138 -1.63 -18.07 -5.15
CA PHE B 138 -2.96 -17.51 -4.97
C PHE B 138 -3.46 -16.79 -6.23
N TYR B 139 -4.76 -16.72 -6.38
CA TYR B 139 -5.40 -16.11 -7.54
C TYR B 139 -6.82 -15.71 -7.19
N PRO B 140 -7.23 -14.49 -7.56
CA PRO B 140 -6.46 -13.48 -8.31
C PRO B 140 -5.25 -12.96 -7.52
N GLY B 141 -4.48 -12.08 -8.15
CA GLY B 141 -3.25 -11.57 -7.55
C GLY B 141 -3.44 -10.38 -6.64
N ALA B 142 -4.26 -10.56 -5.60
CA ALA B 142 -4.51 -9.50 -4.63
C ALA B 142 -4.66 -10.08 -3.22
N VAL B 143 -3.76 -9.67 -2.34
CA VAL B 143 -3.81 -10.10 -0.95
C VAL B 143 -3.59 -8.91 -0.02
N THR B 144 -4.04 -9.05 1.22
CA THR B 144 -3.72 -8.08 2.26
C THR B 144 -3.09 -8.79 3.45
N VAL B 145 -1.94 -8.31 3.87
CA VAL B 145 -1.22 -8.95 4.98
C VAL B 145 -1.29 -8.12 6.25
N ALA B 146 -1.67 -8.77 7.35
CA ALA B 146 -1.70 -8.13 8.66
C ALA B 146 -0.84 -8.90 9.64
N TRP B 147 -0.08 -8.18 10.46
CA TRP B 147 0.80 -8.80 11.43
C TRP B 147 0.28 -8.65 12.84
N LYS B 148 0.47 -9.68 13.65
CA LYS B 148 0.04 -9.65 15.05
C LYS B 148 1.20 -9.95 15.99
N ALA B 149 1.52 -8.99 16.84
CA ALA B 149 2.45 -9.23 17.94
C ALA B 149 1.50 -9.76 18.99
N ASP B 150 1.69 -11.01 19.39
CA ASP B 150 0.75 -11.63 20.32
C ASP B 150 -0.62 -11.48 19.68
N SER B 151 -1.49 -10.70 20.33
CA SER B 151 -2.87 -10.53 19.86
C SER B 151 -3.10 -9.15 19.24
N SER B 152 -2.16 -8.24 19.44
CA SER B 152 -2.31 -6.87 18.96
C SER B 152 -1.67 -6.67 17.59
N PRO B 153 -2.35 -5.90 16.72
CA PRO B 153 -1.88 -5.63 15.36
C PRO B 153 -0.59 -4.82 15.35
N VAL B 154 0.22 -5.03 14.33
CA VAL B 154 1.48 -4.30 14.18
C VAL B 154 1.50 -3.57 12.85
N LYS B 155 1.76 -2.27 12.89
CA LYS B 155 1.87 -1.47 11.68
C LYS B 155 3.33 -1.22 11.34
N ALA B 156 4.11 -0.85 12.35
CA ALA B 156 5.51 -0.52 12.16
C ALA B 156 6.35 -1.75 11.83
N GLY B 157 7.31 -1.58 10.92
CA GLY B 157 8.24 -2.63 10.58
C GLY B 157 7.79 -3.54 9.46
N VAL B 158 6.56 -3.34 8.99
CA VAL B 158 5.99 -4.20 7.96
C VAL B 158 6.33 -3.73 6.55
N GLU B 159 6.93 -4.62 5.77
CA GLU B 159 7.25 -4.35 4.38
C GLU B 159 6.66 -5.46 3.53
N THR B 160 5.74 -5.11 2.64
CA THR B 160 5.05 -6.11 1.82
C THR B 160 5.16 -5.80 0.34
N THR B 161 5.59 -6.80 -0.42
CA THR B 161 5.73 -6.66 -1.86
C THR B 161 4.37 -6.67 -2.55
N THR B 162 4.32 -6.10 -3.75
CA THR B 162 3.15 -6.23 -4.61
C THR B 162 3.11 -7.67 -5.10
N PRO B 163 1.91 -8.20 -5.36
CA PRO B 163 1.82 -9.55 -5.90
C PRO B 163 2.54 -9.66 -7.23
N SER B 164 3.25 -10.77 -7.46
CA SER B 164 3.94 -10.99 -8.72
C SER B 164 3.50 -12.31 -9.33
N LYS B 165 3.41 -12.35 -10.66
CA LYS B 165 2.92 -13.54 -11.35
C LYS B 165 3.94 -14.67 -11.34
N GLN B 166 3.51 -15.85 -10.93
CA GLN B 166 4.35 -17.04 -10.93
C GLN B 166 4.33 -17.67 -12.32
N SER B 167 5.20 -18.66 -12.53
CA SER B 167 5.28 -19.34 -13.82
C SER B 167 4.02 -20.15 -14.11
N ASN B 168 3.32 -20.55 -13.05
CA ASN B 168 2.08 -21.30 -13.20
C ASN B 168 0.89 -20.35 -13.16
N ASN B 169 1.15 -19.08 -13.42
CA ASN B 169 0.11 -18.07 -13.58
C ASN B 169 -0.71 -17.81 -12.31
N LYS B 170 -0.22 -18.31 -11.19
CA LYS B 170 -0.73 -17.90 -9.88
C LYS B 170 0.18 -16.79 -9.36
N TYR B 171 -0.06 -16.30 -8.15
CA TYR B 171 0.70 -15.18 -7.65
C TYR B 171 1.51 -15.48 -6.39
N ALA B 172 2.59 -14.73 -6.21
CA ALA B 172 3.42 -14.84 -5.03
C ALA B 172 3.61 -13.48 -4.39
N ALA B 173 3.92 -13.48 -3.10
CA ALA B 173 4.20 -12.24 -2.38
C ALA B 173 4.87 -12.58 -1.07
N SER B 174 5.58 -11.61 -0.52
CA SER B 174 6.26 -11.81 0.75
C SER B 174 6.12 -10.57 1.63
N SER B 175 5.89 -10.79 2.92
CA SER B 175 5.82 -9.71 3.87
C SER B 175 6.90 -9.90 4.93
N TYR B 176 7.59 -8.82 5.26
CA TYR B 176 8.65 -8.87 6.26
C TYR B 176 8.31 -7.99 7.46
N LEU B 177 8.59 -8.50 8.65
CA LEU B 177 8.45 -7.71 9.86
C LEU B 177 9.82 -7.50 10.50
N SER B 178 10.39 -6.31 10.28
CA SER B 178 11.63 -5.94 10.93
C SER B 178 11.37 -5.79 12.43
N LEU B 179 12.23 -6.40 13.24
CA LEU B 179 11.96 -6.52 14.66
C LEU B 179 13.27 -6.51 15.45
N THR B 180 13.26 -5.90 16.63
CA THR B 180 14.40 -5.99 17.54
C THR B 180 14.35 -7.32 18.27
N PRO B 181 15.53 -7.91 18.56
CA PRO B 181 15.58 -9.18 19.27
C PRO B 181 14.77 -9.12 20.57
N GLU B 182 14.77 -7.96 21.22
CA GLU B 182 14.03 -7.79 22.46
C GLU B 182 12.53 -7.94 22.23
N GLN B 183 12.02 -7.26 21.22
CA GLN B 183 10.62 -7.38 20.83
C GLN B 183 10.28 -8.83 20.51
N TRP B 184 11.22 -9.52 19.86
CA TRP B 184 11.01 -10.90 19.46
C TRP B 184 10.90 -11.84 20.65
N LYS B 185 11.79 -11.67 21.63
CA LYS B 185 11.80 -12.53 22.80
C LYS B 185 10.65 -12.22 23.76
N SER B 186 10.39 -10.93 23.96
CA SER B 186 9.39 -10.49 24.93
C SER B 186 7.98 -11.00 24.63
N HIS B 187 7.61 -10.98 23.35
CA HIS B 187 6.27 -11.41 22.95
C HIS B 187 6.13 -12.94 22.93
N ARG B 188 4.95 -13.42 23.33
CA ARG B 188 4.67 -14.85 23.34
C ARG B 188 4.76 -15.45 21.94
N SER B 189 4.41 -14.64 20.94
CA SER B 189 4.42 -15.10 19.56
C SER B 189 4.08 -13.99 18.58
N TYR B 190 4.32 -14.27 17.30
CA TYR B 190 3.97 -13.34 16.22
C TYR B 190 3.19 -14.09 15.16
N SER B 191 2.22 -13.42 14.53
CA SER B 191 1.40 -14.06 13.51
C SER B 191 1.37 -13.29 12.20
N CYS B 192 1.41 -14.03 11.10
CA CYS B 192 1.23 -13.47 9.78
C CYS B 192 -0.16 -13.85 9.28
N GLN B 193 -0.98 -12.85 9.01
CA GLN B 193 -2.36 -13.10 8.59
C GLN B 193 -2.58 -12.66 7.14
N VAL B 194 -2.81 -13.63 6.28
CA VAL B 194 -2.98 -13.37 4.86
C VAL B 194 -4.44 -13.50 4.46
N THR B 195 -5.05 -12.39 4.07
CA THR B 195 -6.44 -12.39 3.65
C THR B 195 -6.53 -12.36 2.11
N HIS B 196 -7.39 -13.22 1.57
CA HIS B 196 -7.54 -13.36 0.13
C HIS B 196 -8.98 -13.68 -0.19
N GLU B 197 -9.62 -12.79 -0.95
CA GLU B 197 -11.01 -12.96 -1.36
C GLU B 197 -11.91 -13.34 -0.19
N GLY B 198 -11.74 -12.63 0.93
CA GLY B 198 -12.62 -12.79 2.07
C GLY B 198 -12.20 -13.82 3.09
N SER B 199 -11.21 -14.64 2.73
CA SER B 199 -10.73 -15.67 3.64
C SER B 199 -9.28 -15.41 4.06
N THR B 200 -9.02 -15.55 5.36
CA THR B 200 -7.69 -15.29 5.89
C THR B 200 -6.99 -16.57 6.35
N VAL B 201 -5.71 -16.67 5.98
CA VAL B 201 -4.88 -17.80 6.40
C VAL B 201 -3.81 -17.31 7.38
N GLU B 202 -3.70 -17.99 8.51
CA GLU B 202 -2.82 -17.52 9.59
C GLU B 202 -1.67 -18.49 9.90
N LYS B 203 -0.49 -17.93 10.13
CA LYS B 203 0.67 -18.70 10.58
C LYS B 203 1.30 -18.01 11.79
N THR B 204 1.75 -18.81 12.75
CA THR B 204 2.32 -18.28 13.98
C THR B 204 3.64 -18.94 14.35
N VAL B 205 4.60 -18.14 14.80
CA VAL B 205 5.87 -18.65 15.31
C VAL B 205 6.15 -18.09 16.69
N ALA B 206 6.79 -18.89 17.53
CA ALA B 206 7.08 -18.47 18.89
C ALA B 206 8.56 -18.60 19.22
N PRO B 207 9.13 -17.56 19.83
CA PRO B 207 10.53 -17.61 20.26
C PRO B 207 10.75 -18.60 21.40
C1 NAG C . -1.16 3.77 -14.94
C2 NAG C . -0.23 4.04 -16.08
C3 NAG C . -0.45 3.18 -17.30
C4 NAG C . -0.93 1.80 -16.99
C5 NAG C . -1.93 1.82 -15.89
C6 NAG C . -2.50 0.42 -15.67
C7 NAG C . 0.55 6.27 -16.62
C8 NAG C . 0.17 7.63 -17.12
N2 NAG C . -0.43 5.39 -16.55
O3 NAG C . 0.75 2.99 -17.97
O4 NAG C . -1.52 1.42 -18.16
O5 NAG C . -1.27 2.39 -14.80
O6 NAG C . -1.67 -0.45 -14.97
O7 NAG C . 1.71 6.01 -16.30
C1 NAG C . -1.03 0.04 -18.30
C2 NAG C . -1.81 -0.62 -19.43
C3 NAG C . -1.29 -2.05 -19.63
C4 NAG C . 0.23 -2.06 -19.74
C5 NAG C . 0.92 -1.10 -18.75
C6 NAG C . 2.40 -0.97 -19.08
C7 NAG C . -4.03 0.30 -19.64
C8 NAG C . -5.46 0.30 -19.17
N2 NAG C . -3.22 -0.64 -19.13
O3 NAG C . -1.86 -2.59 -20.80
O4 NAG C . 0.73 -3.35 -19.47
O5 NAG C . 0.31 0.17 -18.73
O6 NAG C . 3.04 -2.18 -18.71
O7 NAG C . -3.64 1.12 -20.46
C1 BMA C . 0.36 -4.27 -20.45
C2 BMA C . 1.56 -5.21 -20.62
C3 BMA C . 1.25 -6.45 -21.51
C4 BMA C . -0.12 -7.02 -21.15
C5 BMA C . -1.12 -5.88 -21.12
C6 BMA C . -2.53 -6.41 -20.92
O2 BMA C . 1.94 -5.66 -19.33
O3 BMA C . 2.23 -7.46 -21.34
O4 BMA C . -0.46 -7.97 -22.15
O5 BMA C . -0.80 -4.99 -20.06
O6 BMA C . -3.42 -5.40 -21.37
C1 MAN C . 3.24 -7.25 -22.21
C2 MAN C . 3.95 -8.60 -22.16
C3 MAN C . 4.89 -8.66 -20.97
C4 MAN C . 5.81 -7.44 -20.94
C5 MAN C . 5.01 -6.16 -21.10
C6 MAN C . 5.94 -4.95 -21.17
O2 MAN C . 4.67 -8.84 -23.37
O3 MAN C . 5.69 -9.84 -21.01
O4 MAN C . 6.51 -7.41 -19.70
O5 MAN C . 4.22 -6.22 -22.28
O6 MAN C . 5.19 -3.76 -20.93
C1 NAG C . 4.40 -9.43 -24.63
C2 NAG C . 5.17 -9.05 -25.85
C3 NAG C . 4.82 -9.91 -27.07
C4 NAG C . 4.72 -11.41 -26.81
C5 NAG C . 4.02 -11.62 -25.50
C6 NAG C . 4.20 -13.04 -25.03
C7 NAG C . 5.68 -6.69 -25.87
C8 NAG C . 5.17 -5.33 -26.20
N2 NAG C . 4.89 -7.68 -26.11
O3 NAG C . 5.83 -9.73 -27.99
O4 NAG C . 4.04 -12.08 -27.85
O5 NAG C . 4.54 -10.79 -24.50
O6 NAG C . 5.53 -13.42 -25.25
O7 NAG C . 6.77 -6.85 -25.39
C1 GAL C . 4.99 -12.84 -28.48
C2 GAL C . 4.16 -13.93 -29.16
C3 GAL C . 5.04 -14.83 -30.01
C4 GAL C . 5.87 -13.99 -30.96
C5 GAL C . 6.60 -12.88 -30.21
C6 GAL C . 7.41 -12.01 -31.17
O2 GAL C . 3.51 -14.71 -28.16
O3 GAL C . 4.22 -15.74 -30.75
O4 GAL C . 5.03 -13.43 -31.97
O5 GAL C . 5.64 -12.09 -29.51
O6 GAL C . 8.28 -11.15 -30.43
C1 SIA C . 10.15 -11.27 -31.81
C2 SIA C . 9.09 -10.44 -31.12
C3 SIA C . 9.74 -9.53 -30.08
C4 SIA C . 10.53 -8.41 -30.74
C5 SIA C . 9.64 -7.70 -31.76
C6 SIA C . 9.11 -8.70 -32.76
C7 SIA C . 8.24 -7.98 -33.79
C8 SIA C . 8.07 -8.80 -35.07
C9 SIA C . 8.76 -10.14 -34.95
C10 SIA C . 9.75 -5.51 -32.77
C11 SIA C . 10.56 -4.54 -33.57
N5 SIA C . 10.37 -6.64 -32.42
O1A SIA C . 10.07 -11.45 -33.04
O1B SIA C . 11.06 -11.77 -31.11
O4 SIA C . 10.94 -7.48 -29.74
O6 SIA C . 8.34 -9.68 -32.08
O7 SIA C . 6.96 -7.70 -33.21
O8 SIA C . 6.68 -9.01 -35.35
O9 SIA C . 7.78 -11.13 -34.63
O10 SIA C . 8.60 -5.30 -32.46
C1 MAN C . -4.74 -5.62 -20.84
C2 MAN C . -5.53 -4.34 -21.06
C3 MAN C . -4.97 -3.19 -20.25
C4 MAN C . -5.00 -3.62 -18.80
C5 MAN C . -4.24 -4.93 -18.62
C6 MAN C . -4.35 -5.42 -17.17
O2 MAN C . -6.86 -4.54 -20.69
O3 MAN C . -5.78 -2.07 -20.43
O4 MAN C . -4.44 -2.60 -17.99
O5 MAN C . -4.76 -5.94 -19.47
O6 MAN C . -3.60 -6.60 -17.01
C1 NAG C . -7.62 -4.93 -21.84
C2 NAG C . -8.79 -5.78 -21.51
C3 NAG C . -9.49 -6.22 -22.78
C4 NAG C . -10.09 -5.00 -23.38
C5 NAG C . -8.90 -4.18 -23.70
C6 NAG C . -9.42 -2.92 -24.33
C7 NAG C . -8.29 -7.18 -19.61
C8 NAG C . -8.62 -6.07 -18.67
N2 NAG C . -8.38 -6.99 -20.89
O3 NAG C . -10.42 -7.17 -22.44
O4 NAG C . -10.76 -5.18 -24.59
O5 NAG C . -8.22 -3.87 -22.50
O6 NAG C . -10.10 -2.17 -23.38
O7 NAG C . -7.92 -8.27 -19.25
C1 FUC C . -2.12 -1.77 -15.25
C2 FUC C . -1.05 -2.69 -14.69
C3 FUC C . -0.93 -2.45 -13.20
C4 FUC C . -2.29 -2.66 -12.52
C5 FUC C . -3.36 -1.86 -13.24
C6 FUC C . -4.75 -2.19 -12.68
O2 FUC C . 0.21 -2.45 -15.32
O3 FUC C . 0.03 -3.35 -12.62
O4 FUC C . -2.62 -4.05 -12.55
O5 FUC C . -3.36 -2.11 -14.65
C TAM D . 14.78 -10.91 -7.87
C1 TAM D . 14.34 -12.27 -7.37
C2 TAM D . 16.14 -10.69 -7.25
C3 TAM D . 14.84 -10.82 -9.40
C4 TAM D . 12.87 -12.52 -7.69
C5 TAM D . 16.90 -9.60 -7.96
C6 TAM D . 15.76 -11.88 -10.01
N TAM D . 13.92 -9.85 -7.34
O4 TAM D . 12.74 -13.58 -8.62
O5 TAM D . 17.94 -9.28 -7.02
O6 TAM D . 15.05 -13.12 -10.13
#